data_7R1V
#
_entry.id   7R1V
#
_cell.length_a   65.790
_cell.length_b   71.324
_cell.length_c   116.555
_cell.angle_alpha   90.000
_cell.angle_beta   90.000
_cell.angle_gamma   90.000
#
_symmetry.space_group_name_H-M   'P 21 21 21'
#
loop_
_entity.id
_entity.type
_entity.pdbx_description
1 polymer 'Outer membrane protein assembly factor BamA'
2 polymer 'Dynobactin A'
3 water water
#
loop_
_entity_poly.entity_id
_entity_poly.type
_entity_poly.pdbx_seq_one_letter_code
_entity_poly.pdbx_strand_id
1 'polypeptide(L)'
;HMRNTGSFNFGIGYGTESGVSFQAGVQQDNWLGTGYAVGINGTKNDYQTYAELSVTNPYFTVDGVSLGGRLFYNDFQADD
ADLSDYTNKSYGTDVTLGFPINEYNSLRAGLGYVHNSLSNMQPQVAMWRYLYSMGEHPSTSDQDNSFKTDDFTFNYGWTY
NKLDRGYFPTDGSRVNLTGKVTIPGSDNEYYKVTLDTATYVPIDDDHKWVVLGRTRWGYGDGLGGKEMPFYENFYAGGSS
TVRGFQSNTIGPKAVYFPHQASNYDPDYDYESATQDGAKDLSKSDDAVGGNAMAVASLEFITPTPFISDKYANSVRTSFF
WDMGTVWDTNWDSSQYSGYPDYSDPSNIRMSAGIALQWMSPLGPLVFSYAQPFKKYDGDKAEQFQFNIGKTW
;
A
2 'polypeptide(L)' WNSNVHSYRF B
#
# COMPACT_ATOMS: atom_id res chain seq x y z
N THR A 5 31.63 2.57 5.00
CA THR A 5 32.01 3.29 3.78
C THR A 5 30.81 3.39 2.84
N GLY A 6 30.07 2.29 2.68
CA GLY A 6 28.91 2.27 1.80
C GLY A 6 28.20 0.94 1.73
N SER A 7 27.30 0.79 0.74
CA SER A 7 26.54 -0.45 0.54
C SER A 7 25.73 -0.45 -0.76
N PHE A 8 25.79 -1.55 -1.51
CA PHE A 8 25.01 -1.74 -2.73
C PHE A 8 24.00 -2.89 -2.46
N ASN A 9 22.72 -2.67 -2.73
CA ASN A 9 21.66 -3.66 -2.53
C ASN A 9 20.95 -3.90 -3.86
N PHE A 10 20.64 -5.16 -4.17
CA PHE A 10 19.90 -5.54 -5.37
C PHE A 10 18.92 -6.64 -4.98
N GLY A 11 17.65 -6.48 -5.35
CA GLY A 11 16.59 -7.43 -5.07
C GLY A 11 15.72 -7.64 -6.29
N ILE A 12 15.16 -8.84 -6.45
CA ILE A 12 14.34 -9.22 -7.59
C ILE A 12 13.16 -10.02 -7.09
N GLY A 13 12.00 -9.90 -7.74
CA GLY A 13 10.85 -10.69 -7.38
C GLY A 13 9.81 -10.81 -8.46
N TYR A 14 8.85 -11.69 -8.24
CA TYR A 14 7.71 -11.88 -9.10
C TYR A 14 6.50 -12.09 -8.22
N GLY A 15 5.43 -11.35 -8.49
CA GLY A 15 4.18 -11.47 -7.75
C GLY A 15 3.01 -11.37 -8.69
N THR A 16 1.89 -12.01 -8.37
CA THR A 16 0.70 -11.97 -9.22
C THR A 16 0.03 -10.57 -9.19
N GLU A 17 0.35 -9.69 -8.21
CA GLU A 17 -0.24 -8.34 -8.14
C GLU A 17 0.61 -7.33 -8.88
N SER A 18 1.95 -7.39 -8.73
CA SER A 18 2.85 -6.40 -9.32
C SER A 18 3.79 -6.89 -10.44
N GLY A 19 3.64 -8.14 -10.92
CA GLY A 19 4.49 -8.70 -11.97
C GLY A 19 5.94 -8.79 -11.54
N VAL A 20 6.88 -8.56 -12.45
CA VAL A 20 8.31 -8.62 -12.12
C VAL A 20 8.68 -7.32 -11.42
N SER A 21 9.47 -7.40 -10.35
CA SER A 21 9.83 -6.24 -9.54
C SER A 21 11.33 -6.18 -9.30
N PHE A 22 11.91 -4.97 -9.42
CA PHE A 22 13.34 -4.75 -9.17
C PHE A 22 13.51 -3.80 -7.98
N GLN A 23 14.59 -3.99 -7.21
CA GLN A 23 14.94 -3.15 -6.06
C GLN A 23 16.44 -2.94 -6.15
N ALA A 24 16.90 -1.69 -6.19
CA ALA A 24 18.33 -1.40 -6.31
C ALA A 24 18.68 -0.13 -5.59
N GLY A 25 19.84 -0.13 -4.94
CA GLY A 25 20.29 1.05 -4.21
C GLY A 25 21.76 1.01 -3.91
N VAL A 26 22.32 2.18 -3.65
CA VAL A 26 23.72 2.34 -3.30
C VAL A 26 23.81 3.49 -2.29
N GLN A 27 24.72 3.35 -1.30
CA GLN A 27 24.87 4.32 -0.23
C GLN A 27 26.33 4.58 0.09
N GLN A 28 26.60 5.75 0.70
CA GLN A 28 27.93 6.17 1.14
C GLN A 28 27.69 6.72 2.55
N ASP A 29 28.27 6.10 3.59
CA ASP A 29 28.01 6.47 4.99
C ASP A 29 28.61 7.83 5.40
N ASN A 30 29.50 8.42 4.58
CA ASN A 30 30.07 9.74 4.85
C ASN A 30 30.48 10.37 3.50
N TRP A 31 29.47 10.74 2.68
CA TRP A 31 29.68 11.27 1.34
C TRP A 31 30.48 12.58 1.30
N LEU A 32 31.77 12.49 0.94
CA LEU A 32 32.69 13.63 0.79
C LEU A 32 32.91 14.44 2.08
N GLY A 33 32.99 13.76 3.22
CA GLY A 33 33.21 14.42 4.50
C GLY A 33 32.09 15.37 4.90
N THR A 34 30.85 14.85 4.88
CA THR A 34 29.63 15.60 5.25
C THR A 34 29.00 15.09 6.57
N GLY A 35 29.25 13.83 6.92
CA GLY A 35 28.67 13.22 8.12
C GLY A 35 27.34 12.54 7.83
N TYR A 36 26.59 13.02 6.81
CA TYR A 36 25.32 12.42 6.43
C TYR A 36 25.52 11.25 5.46
N ALA A 37 24.60 10.28 5.49
CA ALA A 37 24.62 9.10 4.63
C ALA A 37 23.78 9.35 3.38
N VAL A 38 24.46 9.69 2.26
CA VAL A 38 23.80 9.94 0.97
C VAL A 38 23.57 8.61 0.25
N GLY A 39 22.39 8.44 -0.34
CA GLY A 39 22.04 7.24 -1.08
C GLY A 39 21.14 7.48 -2.27
N ILE A 40 21.06 6.51 -3.19
CA ILE A 40 20.19 6.56 -4.36
C ILE A 40 19.53 5.19 -4.44
N ASN A 41 18.19 5.16 -4.52
CA ASN A 41 17.40 3.93 -4.56
C ASN A 41 16.41 4.00 -5.71
N GLY A 42 16.05 2.84 -6.24
CA GLY A 42 15.09 2.72 -7.31
C GLY A 42 14.13 1.59 -7.07
N THR A 43 13.06 1.56 -7.86
CA THR A 43 12.07 0.50 -7.79
C THR A 43 11.29 0.50 -9.09
N LYS A 44 11.00 -0.68 -9.62
CA LYS A 44 10.21 -0.80 -10.83
C LYS A 44 9.35 -2.04 -10.72
N ASN A 45 8.17 -1.99 -11.29
CA ASN A 45 7.27 -3.15 -11.35
C ASN A 45 6.25 -2.91 -12.49
N ASP A 46 5.22 -3.78 -12.64
CA ASP A 46 4.25 -3.62 -13.71
C ASP A 46 3.66 -2.18 -13.87
N TYR A 47 3.39 -1.46 -12.76
CA TYR A 47 2.71 -0.15 -12.77
C TYR A 47 3.45 1.04 -12.15
N GLN A 48 4.62 0.88 -11.53
CA GLN A 48 5.31 1.98 -10.88
C GLN A 48 6.80 1.92 -11.14
N THR A 49 7.40 3.09 -11.31
CA THR A 49 8.84 3.24 -11.48
C THR A 49 9.19 4.41 -10.59
N TYR A 50 9.82 4.10 -9.47
CA TYR A 50 10.22 5.06 -8.48
C TYR A 50 11.72 5.24 -8.42
N ALA A 51 12.17 6.41 -8.00
CA ALA A 51 13.59 6.66 -7.77
C ALA A 51 13.76 7.78 -6.77
N GLU A 52 14.81 7.73 -5.95
CA GLU A 52 15.02 8.76 -4.95
C GLU A 52 16.48 8.94 -4.55
N LEU A 53 16.81 10.16 -4.12
CA LEU A 53 18.10 10.55 -3.56
C LEU A 53 17.80 10.77 -2.07
N SER A 54 18.51 10.06 -1.19
CA SER A 54 18.34 10.15 0.26
C SER A 54 19.60 10.75 0.90
N VAL A 55 19.44 11.33 2.08
CA VAL A 55 20.55 11.93 2.84
C VAL A 55 20.11 11.90 4.32
N THR A 56 20.57 10.90 5.09
CA THR A 56 20.12 10.69 6.48
C THR A 56 21.23 10.63 7.52
N ASN A 57 21.14 11.46 8.57
CA ASN A 57 22.10 11.41 9.68
C ASN A 57 21.51 10.43 10.74
N PRO A 58 22.12 9.25 11.01
CA PRO A 58 21.51 8.32 12.00
C PRO A 58 21.39 8.86 13.42
N TYR A 59 22.32 9.76 13.81
CA TYR A 59 22.32 10.42 15.12
C TYR A 59 22.42 11.93 14.87
N PHE A 60 21.29 12.57 14.53
CA PHE A 60 21.27 14.02 14.32
C PHE A 60 21.53 14.69 15.68
N THR A 61 20.81 14.26 16.74
CA THR A 61 21.05 14.71 18.11
C THR A 61 21.62 13.51 18.93
N VAL A 62 22.18 13.79 20.11
CA VAL A 62 22.73 12.76 20.99
C VAL A 62 21.59 11.88 21.56
N ASP A 63 20.38 12.48 21.79
CA ASP A 63 19.19 11.75 22.27
C ASP A 63 18.80 10.55 21.35
N GLY A 64 19.21 10.58 20.09
CA GLY A 64 18.91 9.54 19.11
C GLY A 64 17.93 9.98 18.04
N VAL A 65 17.55 11.29 18.02
CA VAL A 65 16.62 11.83 17.02
C VAL A 65 17.38 11.99 15.71
N SER A 66 16.87 11.38 14.63
CA SER A 66 17.48 11.43 13.30
C SER A 66 16.80 12.47 12.40
N LEU A 67 17.49 12.93 11.33
CA LEU A 67 16.95 13.90 10.37
C LEU A 67 17.20 13.35 8.96
N GLY A 68 16.14 12.83 8.34
CA GLY A 68 16.20 12.24 7.00
C GLY A 68 15.68 13.21 5.97
N GLY A 69 16.33 13.23 4.80
CA GLY A 69 15.97 14.08 3.68
C GLY A 69 15.80 13.26 2.41
N ARG A 70 14.69 13.43 1.71
CA ARG A 70 14.34 12.67 0.50
C ARG A 70 14.02 13.60 -0.69
N LEU A 71 14.40 13.20 -1.89
CA LEU A 71 14.14 13.88 -3.15
C LEU A 71 13.76 12.78 -4.12
N PHE A 72 12.53 12.78 -4.67
CA PHE A 72 12.06 11.65 -5.47
C PHE A 72 11.37 11.98 -6.78
N TYR A 73 11.29 10.97 -7.66
CA TYR A 73 10.51 10.96 -8.89
C TYR A 73 9.70 9.67 -8.86
N ASN A 74 8.48 9.67 -9.39
CA ASN A 74 7.63 8.50 -9.41
C ASN A 74 6.72 8.53 -10.59
N ASP A 75 6.56 7.38 -11.25
CA ASP A 75 5.67 7.24 -12.40
C ASP A 75 4.69 6.12 -12.04
N PHE A 76 3.38 6.32 -12.23
CA PHE A 76 2.39 5.31 -11.91
C PHE A 76 1.39 5.17 -13.04
N GLN A 77 1.14 3.94 -13.54
CA GLN A 77 0.17 3.67 -14.61
C GLN A 77 -0.94 2.83 -14.00
N ALA A 78 -2.11 3.43 -13.80
CA ALA A 78 -3.22 2.80 -13.09
C ALA A 78 -3.78 1.53 -13.70
N ASP A 79 -3.87 1.43 -15.03
CA ASP A 79 -4.39 0.20 -15.64
C ASP A 79 -3.48 -1.02 -15.33
N ASP A 80 -2.14 -0.82 -15.22
CA ASP A 80 -1.21 -1.92 -14.87
C ASP A 80 -1.31 -2.32 -13.35
N ALA A 81 -2.19 -1.66 -12.58
CA ALA A 81 -2.48 -1.97 -11.17
C ALA A 81 -3.97 -2.41 -11.01
N ASP A 82 -4.62 -2.91 -12.09
CA ASP A 82 -6.01 -3.40 -12.13
C ASP A 82 -7.05 -2.33 -11.81
N LEU A 83 -6.74 -1.06 -12.10
CA LEU A 83 -7.62 0.09 -11.86
C LEU A 83 -8.05 0.78 -13.16
N SER A 84 -9.02 1.73 -13.11
CA SER A 84 -9.42 2.53 -14.29
C SER A 84 -8.19 3.33 -14.73
N ASP A 85 -7.96 3.44 -16.03
CA ASP A 85 -6.71 4.03 -16.49
C ASP A 85 -6.53 5.52 -16.20
N TYR A 86 -5.32 5.84 -15.73
CA TYR A 86 -4.80 7.18 -15.48
C TYR A 86 -3.27 7.07 -15.35
N THR A 87 -2.54 8.17 -15.49
CA THR A 87 -1.08 8.17 -15.37
C THR A 87 -0.73 9.28 -14.42
N ASN A 88 0.09 8.98 -13.41
CA ASN A 88 0.51 10.00 -12.46
C ASN A 88 2.01 10.07 -12.47
N LYS A 89 2.56 11.19 -12.92
CA LYS A 89 3.98 11.47 -12.91
C LYS A 89 4.13 12.47 -11.79
N SER A 90 4.76 12.04 -10.72
CA SER A 90 4.93 12.84 -9.50
C SER A 90 6.39 12.98 -9.15
N TYR A 91 6.72 14.03 -8.42
CA TYR A 91 8.09 14.28 -7.96
C TYR A 91 8.04 15.24 -6.77
N GLY A 92 9.05 15.18 -5.91
CA GLY A 92 9.05 16.04 -4.73
C GLY A 92 10.17 15.80 -3.73
N THR A 93 9.96 16.31 -2.53
CA THR A 93 10.91 16.24 -1.43
C THR A 93 10.19 16.04 -0.13
N ASP A 94 10.83 15.33 0.79
CA ASP A 94 10.27 15.07 2.10
C ASP A 94 11.39 15.18 3.13
N VAL A 95 11.14 15.89 4.23
CA VAL A 95 12.08 16.03 5.35
C VAL A 95 11.38 15.37 6.54
N THR A 96 12.08 14.49 7.28
CA THR A 96 11.46 13.75 8.38
C THR A 96 12.38 13.65 9.58
N LEU A 97 11.84 13.90 10.78
CA LEU A 97 12.53 13.73 12.05
C LEU A 97 12.01 12.42 12.64
N GLY A 98 12.92 11.53 13.03
CA GLY A 98 12.57 10.23 13.60
C GLY A 98 12.90 10.16 15.08
N PHE A 99 11.90 9.89 15.92
CA PHE A 99 12.08 9.82 17.36
C PHE A 99 11.94 8.39 17.87
N PRO A 100 13.03 7.73 18.30
CA PRO A 100 12.89 6.38 18.88
C PRO A 100 12.44 6.52 20.34
N ILE A 101 11.11 6.57 20.55
CA ILE A 101 10.52 6.74 21.87
C ILE A 101 10.88 5.58 22.83
N ASN A 102 11.20 4.37 22.29
CA ASN A 102 11.68 3.19 23.05
C ASN A 102 11.99 2.01 22.09
N GLU A 103 12.67 0.95 22.56
CA GLU A 103 13.07 -0.19 21.72
C GLU A 103 11.93 -0.82 20.89
N TYR A 104 10.66 -0.68 21.31
CA TYR A 104 9.53 -1.22 20.58
C TYR A 104 8.74 -0.20 19.74
N ASN A 105 8.87 1.08 20.05
CA ASN A 105 8.11 2.12 19.36
C ASN A 105 9.00 3.20 18.75
N SER A 106 8.52 3.79 17.67
CA SER A 106 9.22 4.88 17.00
C SER A 106 8.18 5.80 16.40
N LEU A 107 8.44 7.10 16.44
CA LEU A 107 7.56 8.11 15.85
C LEU A 107 8.32 8.86 14.76
N ARG A 108 7.58 9.64 13.93
CA ARG A 108 8.20 10.39 12.86
C ARG A 108 7.28 11.48 12.34
N ALA A 109 7.72 12.73 12.45
CA ALA A 109 6.99 13.87 11.94
C ALA A 109 7.85 14.47 10.81
N GLY A 110 7.20 14.91 9.75
CA GLY A 110 7.90 15.48 8.62
C GLY A 110 7.06 16.43 7.81
N LEU A 111 7.72 17.13 6.89
CA LEU A 111 7.11 18.06 5.96
C LEU A 111 7.40 17.56 4.56
N GLY A 112 6.52 17.86 3.63
CA GLY A 112 6.70 17.43 2.26
C GLY A 112 6.17 18.37 1.21
N TYR A 113 6.57 18.07 0.00
CA TYR A 113 6.13 18.77 -1.20
C TYR A 113 5.96 17.71 -2.28
N VAL A 114 4.85 17.76 -3.01
CA VAL A 114 4.65 16.85 -4.12
C VAL A 114 3.96 17.58 -5.28
N HIS A 115 4.54 17.43 -6.48
CA HIS A 115 3.95 17.88 -7.71
C HIS A 115 3.34 16.62 -8.32
N ASN A 116 2.05 16.64 -8.68
CA ASN A 116 1.39 15.50 -9.32
C ASN A 116 0.89 15.98 -10.68
N SER A 117 1.07 15.16 -11.71
CA SER A 117 0.67 15.51 -13.06
C SER A 117 -0.15 14.38 -13.68
N LEU A 118 -1.49 14.52 -13.67
CA LEU A 118 -2.39 13.51 -14.19
C LEU A 118 -2.57 13.62 -15.70
N SER A 119 -2.82 12.46 -16.31
CA SER A 119 -2.97 12.34 -17.76
C SER A 119 -3.61 10.99 -18.14
N ASN A 120 -4.06 10.86 -19.39
CA ASN A 120 -4.64 9.63 -19.90
C ASN A 120 -5.85 9.14 -19.08
N MET A 121 -6.62 10.08 -18.56
CA MET A 121 -7.81 9.81 -17.76
C MET A 121 -9.07 9.65 -18.62
N GLN A 122 -9.61 8.44 -18.70
CA GLN A 122 -10.86 8.17 -19.43
C GLN A 122 -12.01 8.83 -18.58
N PRO A 123 -12.93 9.64 -19.13
CA PRO A 123 -13.92 10.30 -18.26
C PRO A 123 -14.82 9.37 -17.42
N GLN A 124 -14.67 9.35 -16.08
CA GLN A 124 -15.53 8.54 -15.19
C GLN A 124 -16.05 9.39 -14.02
N VAL A 125 -17.23 9.02 -13.49
CA VAL A 125 -17.97 9.80 -12.52
C VAL A 125 -17.16 10.20 -11.25
N ALA A 126 -16.63 9.23 -10.49
CA ALA A 126 -15.91 9.54 -9.24
C ALA A 126 -14.68 10.47 -9.48
N MET A 127 -13.98 10.23 -10.57
CA MET A 127 -12.78 10.99 -10.94
C MET A 127 -13.19 12.42 -11.38
N TRP A 128 -14.28 12.54 -12.16
CA TRP A 128 -14.72 13.85 -12.63
C TRP A 128 -15.32 14.63 -11.48
N ARG A 129 -16.08 13.99 -10.60
CA ARG A 129 -16.66 14.59 -9.38
C ARG A 129 -15.58 15.32 -8.55
N TYR A 130 -14.40 14.71 -8.42
CA TYR A 130 -13.26 15.28 -7.71
C TYR A 130 -12.66 16.45 -8.52
N LEU A 131 -12.54 16.30 -9.86
CA LEU A 131 -12.00 17.35 -10.72
C LEU A 131 -12.91 18.57 -10.67
N TYR A 132 -14.25 18.37 -10.59
CA TYR A 132 -15.20 19.47 -10.48
C TYR A 132 -14.96 20.21 -9.16
N SER A 133 -14.85 19.44 -8.05
CA SER A 133 -14.60 19.98 -6.71
C SER A 133 -13.31 20.81 -6.65
N MET A 134 -12.32 20.51 -7.52
CA MET A 134 -11.04 21.23 -7.58
C MET A 134 -11.06 22.47 -8.49
N GLY A 135 -12.18 22.78 -9.14
CA GLY A 135 -12.25 23.93 -10.05
C GLY A 135 -12.02 23.59 -11.51
N GLU A 136 -11.72 22.32 -11.84
CA GLU A 136 -11.57 21.92 -13.24
C GLU A 136 -12.95 21.63 -13.83
N HIS A 137 -13.10 21.83 -15.14
CA HIS A 137 -14.35 21.56 -15.84
C HIS A 137 -14.00 20.72 -17.07
N PRO A 138 -13.50 19.49 -16.89
CA PRO A 138 -13.12 18.69 -18.08
C PRO A 138 -14.32 18.22 -18.88
N SER A 139 -14.07 17.95 -20.16
CA SER A 139 -15.09 17.44 -21.07
C SER A 139 -15.44 15.99 -20.65
N THR A 140 -16.74 15.66 -20.66
CA THR A 140 -17.24 14.33 -20.36
C THR A 140 -17.12 13.36 -21.56
N SER A 141 -16.51 13.79 -22.71
CA SER A 141 -16.36 12.96 -23.90
C SER A 141 -14.93 12.81 -24.43
N ASP A 142 -13.96 13.65 -23.98
CA ASP A 142 -12.58 13.58 -24.45
C ASP A 142 -11.66 12.72 -23.57
N GLN A 143 -11.11 11.63 -24.12
CA GLN A 143 -10.14 10.77 -23.40
C GLN A 143 -8.81 11.48 -23.04
N ASP A 144 -8.49 12.56 -23.77
CA ASP A 144 -7.27 13.35 -23.63
C ASP A 144 -7.37 14.50 -22.58
N ASN A 145 -7.28 14.19 -21.27
CA ASN A 145 -7.33 15.23 -20.22
C ASN A 145 -6.05 15.19 -19.38
N SER A 146 -5.67 16.37 -18.83
CA SER A 146 -4.51 16.54 -17.96
C SER A 146 -4.88 17.41 -16.74
N PHE A 147 -4.09 17.34 -15.65
CA PHE A 147 -4.33 18.11 -14.42
C PHE A 147 -3.08 18.13 -13.55
N LYS A 148 -2.63 19.30 -13.08
CA LYS A 148 -1.42 19.43 -12.28
C LYS A 148 -1.69 20.13 -10.96
N THR A 149 -1.15 19.57 -9.86
CA THR A 149 -1.28 20.13 -8.53
C THR A 149 0.04 20.09 -7.80
N ASP A 150 0.27 21.08 -6.95
CA ASP A 150 1.46 21.22 -6.12
C ASP A 150 1.00 21.28 -4.65
N ASP A 151 1.31 20.22 -3.86
CA ASP A 151 0.87 20.14 -2.46
C ASP A 151 2.00 20.14 -1.47
N PHE A 152 1.71 20.68 -0.28
CA PHE A 152 2.61 20.71 0.86
C PHE A 152 1.88 19.91 1.96
N THR A 153 2.59 19.04 2.69
CA THR A 153 1.95 18.19 3.70
C THR A 153 2.74 18.13 5.00
N PHE A 154 2.04 17.78 6.08
CA PHE A 154 2.63 17.45 7.37
C PHE A 154 2.33 15.98 7.47
N ASN A 155 3.37 15.14 7.63
CA ASN A 155 3.26 13.69 7.71
C ASN A 155 3.54 13.22 9.12
N TYR A 156 2.79 12.22 9.60
CA TYR A 156 2.97 11.61 10.91
C TYR A 156 3.02 10.10 10.74
N GLY A 157 3.83 9.45 11.58
CA GLY A 157 3.95 8.00 11.57
C GLY A 157 4.25 7.49 12.95
N TRP A 158 3.72 6.31 13.28
CA TRP A 158 3.99 5.61 14.51
C TRP A 158 4.17 4.14 14.17
N THR A 159 5.28 3.54 14.60
CA THR A 159 5.49 2.12 14.41
C THR A 159 5.75 1.45 15.76
N TYR A 160 4.94 0.46 16.08
CA TYR A 160 5.10 -0.37 17.25
C TYR A 160 5.43 -1.78 16.71
N ASN A 161 6.43 -2.47 17.31
CA ASN A 161 6.81 -3.81 16.85
C ASN A 161 7.36 -4.62 18.01
N LYS A 162 6.50 -5.29 18.77
CA LYS A 162 6.93 -6.13 19.88
C LYS A 162 6.75 -7.58 19.48
N LEU A 163 7.27 -7.96 18.31
CA LEU A 163 7.18 -9.34 17.84
C LEU A 163 8.41 -10.12 18.37
N ASP A 164 8.25 -11.41 18.66
CA ASP A 164 9.35 -12.22 19.13
C ASP A 164 10.39 -12.45 17.99
N ARG A 165 9.91 -12.74 16.77
CA ARG A 165 10.75 -13.04 15.61
C ARG A 165 10.32 -12.15 14.45
N GLY A 166 11.30 -11.60 13.72
CA GLY A 166 11.02 -10.71 12.60
C GLY A 166 10.32 -11.43 11.46
N TYR A 167 10.90 -12.55 11.01
CA TYR A 167 10.31 -13.39 9.98
C TYR A 167 9.68 -14.59 10.69
N PHE A 168 8.40 -14.90 10.37
CA PHE A 168 7.65 -16.02 10.96
C PHE A 168 7.47 -15.85 12.48
N PRO A 169 6.82 -14.76 12.91
CA PRO A 169 6.59 -14.58 14.34
C PRO A 169 5.61 -15.60 14.89
N THR A 170 5.74 -15.91 16.18
CA THR A 170 4.81 -16.78 16.86
C THR A 170 4.07 -16.05 17.97
N ASP A 171 4.52 -14.85 18.40
CA ASP A 171 3.91 -14.09 19.48
C ASP A 171 4.17 -12.59 19.34
N GLY A 172 3.30 -11.79 19.90
CA GLY A 172 3.44 -10.34 19.90
C GLY A 172 2.63 -9.62 18.84
N SER A 173 2.91 -8.32 18.67
CA SER A 173 2.12 -7.50 17.77
C SER A 173 2.93 -6.45 17.08
N ARG A 174 2.41 -5.99 15.95
CA ARG A 174 2.98 -4.92 15.17
C ARG A 174 1.84 -3.93 14.83
N VAL A 175 2.06 -2.64 15.05
CA VAL A 175 1.08 -1.62 14.67
C VAL A 175 1.81 -0.52 13.89
N ASN A 176 1.18 -0.04 12.85
CA ASN A 176 1.72 1.07 12.06
C ASN A 176 0.55 2.00 11.77
N LEU A 177 0.69 3.26 12.12
CA LEU A 177 -0.33 4.26 11.91
C LEU A 177 0.33 5.44 11.23
N THR A 178 -0.05 5.75 9.99
CA THR A 178 0.47 6.92 9.29
C THR A 178 -0.64 7.89 9.00
N GLY A 179 -0.31 9.16 9.03
CA GLY A 179 -1.25 10.24 8.75
C GLY A 179 -0.59 11.31 7.93
N LYS A 180 -1.39 12.10 7.25
CA LYS A 180 -0.90 13.23 6.49
C LYS A 180 -2.00 14.21 6.26
N VAL A 181 -1.67 15.48 6.19
CA VAL A 181 -2.64 16.54 5.99
C VAL A 181 -2.01 17.66 5.18
N THR A 182 -2.74 18.21 4.21
CA THR A 182 -2.23 19.32 3.41
C THR A 182 -2.05 20.57 4.30
N ILE A 183 -1.02 21.39 4.01
CA ILE A 183 -0.74 22.64 4.71
C ILE A 183 -1.34 23.78 3.85
N PRO A 184 -2.00 24.82 4.43
CA PRO A 184 -2.55 25.91 3.58
C PRO A 184 -1.58 26.43 2.52
N GLY A 185 -2.11 26.80 1.35
CA GLY A 185 -1.28 27.18 0.20
C GLY A 185 -1.19 26.08 -0.84
N SER A 186 -1.47 24.80 -0.42
CA SER A 186 -1.51 23.63 -1.31
C SER A 186 -2.72 23.72 -2.26
N ASP A 187 -2.62 23.12 -3.44
CA ASP A 187 -3.73 23.08 -4.39
C ASP A 187 -4.82 22.14 -3.88
N ASN A 188 -4.45 20.96 -3.38
CA ASN A 188 -5.40 20.03 -2.76
C ASN A 188 -5.59 20.38 -1.28
N GLU A 189 -6.69 19.90 -0.65
CA GLU A 189 -6.92 20.15 0.78
C GLU A 189 -7.62 18.94 1.37
N TYR A 190 -6.86 18.08 2.01
CA TYR A 190 -7.39 16.85 2.56
C TYR A 190 -6.48 16.28 3.63
N TYR A 191 -7.00 15.30 4.34
CA TYR A 191 -6.24 14.50 5.27
C TYR A 191 -6.39 13.03 4.85
N LYS A 192 -5.53 12.18 5.39
CA LYS A 192 -5.50 10.77 5.07
C LYS A 192 -4.83 10.01 6.21
N VAL A 193 -5.45 8.95 6.71
CA VAL A 193 -4.85 8.13 7.75
C VAL A 193 -4.97 6.64 7.40
N THR A 194 -4.00 5.85 7.86
CA THR A 194 -3.97 4.41 7.63
C THR A 194 -3.57 3.74 8.93
N LEU A 195 -4.15 2.58 9.22
CA LEU A 195 -3.83 1.81 10.41
C LEU A 195 -3.61 0.35 9.96
N ASP A 196 -2.46 -0.25 10.33
CA ASP A 196 -2.12 -1.63 10.01
C ASP A 196 -1.84 -2.38 11.31
N THR A 197 -2.46 -3.54 11.54
CA THR A 197 -2.29 -4.33 12.78
C THR A 197 -1.98 -5.80 12.51
N ALA A 198 -1.16 -6.40 13.37
CA ALA A 198 -0.83 -7.81 13.31
C ALA A 198 -0.70 -8.32 14.75
N THR A 199 -1.40 -9.40 15.12
CA THR A 199 -1.32 -9.96 16.47
C THR A 199 -1.15 -11.46 16.33
N TYR A 200 -0.08 -12.01 16.91
CA TYR A 200 0.22 -13.43 16.93
C TYR A 200 0.01 -13.93 18.36
N VAL A 201 -0.91 -14.87 18.58
CA VAL A 201 -1.18 -15.43 19.90
C VAL A 201 -0.83 -16.92 19.82
N PRO A 202 0.23 -17.42 20.49
CA PRO A 202 0.53 -18.87 20.42
C PRO A 202 -0.45 -19.67 21.26
N ILE A 203 -1.02 -20.77 20.72
CA ILE A 203 -2.03 -21.58 21.44
C ILE A 203 -1.41 -22.87 22.01
N ASP A 204 -0.07 -22.97 22.10
CA ASP A 204 0.63 -24.15 22.62
C ASP A 204 2.05 -23.75 23.07
N ASP A 205 2.59 -24.41 24.11
CA ASP A 205 3.92 -24.10 24.67
C ASP A 205 5.02 -23.96 23.61
N ASP A 206 5.11 -24.91 22.67
CA ASP A 206 6.13 -24.89 21.64
C ASP A 206 5.90 -23.88 20.50
N HIS A 207 4.77 -23.15 20.52
CA HIS A 207 4.47 -22.13 19.51
C HIS A 207 4.42 -22.71 18.07
N LYS A 208 3.96 -23.95 17.92
CA LYS A 208 3.82 -24.62 16.62
C LYS A 208 2.42 -24.37 16.01
N TRP A 209 1.44 -23.92 16.85
CA TRP A 209 0.06 -23.56 16.52
C TRP A 209 -0.12 -22.09 16.99
N VAL A 210 -0.37 -21.14 16.08
CA VAL A 210 -0.44 -19.73 16.43
C VAL A 210 -1.60 -19.06 15.72
N VAL A 211 -2.44 -18.31 16.45
CA VAL A 211 -3.55 -17.55 15.87
C VAL A 211 -3.05 -16.17 15.51
N LEU A 212 -3.20 -15.79 14.25
CA LEU A 212 -2.81 -14.49 13.75
C LEU A 212 -4.08 -13.68 13.38
N GLY A 213 -4.23 -12.48 13.96
CA GLY A 213 -5.31 -11.58 13.60
C GLY A 213 -4.73 -10.33 12.97
N ARG A 214 -5.20 -9.94 11.76
CA ARG A 214 -4.71 -8.74 11.05
C ARG A 214 -5.86 -7.80 10.73
N THR A 215 -5.60 -6.50 10.78
CA THR A 215 -6.54 -5.50 10.27
C THR A 215 -5.76 -4.44 9.53
N ARG A 216 -6.42 -3.84 8.56
CA ARG A 216 -5.93 -2.71 7.80
C ARG A 216 -7.14 -1.78 7.69
N TRP A 217 -6.94 -0.48 7.92
CA TRP A 217 -8.01 0.50 7.83
C TRP A 217 -7.49 1.76 7.14
N GLY A 218 -8.33 2.40 6.36
CA GLY A 218 -7.98 3.64 5.71
C GLY A 218 -9.14 4.60 5.69
N TYR A 219 -8.85 5.86 5.97
CA TYR A 219 -9.85 6.92 5.83
C TYR A 219 -9.16 8.22 5.43
N GLY A 220 -9.69 8.86 4.39
CA GLY A 220 -9.24 10.15 3.92
C GLY A 220 -10.41 10.97 3.39
N ASP A 221 -10.37 12.28 3.56
CA ASP A 221 -11.43 13.15 3.07
C ASP A 221 -10.95 14.58 2.98
N GLY A 222 -11.69 15.39 2.26
CA GLY A 222 -11.37 16.79 2.07
C GLY A 222 -11.67 17.68 3.26
N LEU A 223 -11.21 18.92 3.14
CA LEU A 223 -11.43 19.99 4.11
C LEU A 223 -11.78 21.21 3.22
N GLY A 224 -13.00 21.70 3.31
CA GLY A 224 -13.41 22.86 2.52
C GLY A 224 -13.71 22.63 1.05
N GLY A 225 -14.79 21.89 0.79
CA GLY A 225 -15.30 21.70 -0.56
C GLY A 225 -14.58 20.70 -1.41
N LYS A 226 -13.22 20.78 -1.44
CA LYS A 226 -12.35 19.90 -2.24
C LYS A 226 -12.41 18.49 -1.67
N GLU A 227 -12.34 17.48 -2.54
CA GLU A 227 -12.30 16.08 -2.13
C GLU A 227 -10.85 15.59 -2.14
N MET A 228 -10.61 14.44 -1.50
CA MET A 228 -9.32 13.78 -1.53
C MET A 228 -9.06 13.36 -3.00
N PRO A 229 -7.83 13.57 -3.52
CA PRO A 229 -7.56 13.18 -4.89
C PRO A 229 -7.64 11.69 -5.06
N PHE A 230 -8.33 11.21 -6.11
CA PHE A 230 -8.45 9.79 -6.42
C PHE A 230 -7.07 9.07 -6.47
N TYR A 231 -5.96 9.78 -6.81
CA TYR A 231 -4.62 9.13 -6.81
C TYR A 231 -4.15 8.76 -5.40
N GLU A 232 -4.79 9.27 -4.35
CA GLU A 232 -4.51 8.97 -2.94
C GLU A 232 -5.55 7.99 -2.34
N ASN A 233 -6.39 7.33 -3.17
CA ASN A 233 -7.41 6.37 -2.71
C ASN A 233 -6.82 5.13 -2.06
N PHE A 234 -7.70 4.41 -1.35
CA PHE A 234 -7.40 3.14 -0.70
C PHE A 234 -7.93 2.03 -1.59
N TYR A 235 -7.35 0.84 -1.47
CA TYR A 235 -7.75 -0.32 -2.24
C TYR A 235 -7.69 -1.58 -1.34
N ALA A 236 -8.39 -2.64 -1.75
CA ALA A 236 -8.42 -3.94 -1.09
C ALA A 236 -8.57 -5.04 -2.16
N GLY A 237 -8.11 -6.22 -1.84
CA GLY A 237 -8.11 -7.36 -2.77
C GLY A 237 -6.68 -7.59 -3.20
N GLY A 238 -6.24 -8.84 -3.20
CA GLY A 238 -4.88 -9.19 -3.54
C GLY A 238 -4.24 -10.03 -2.45
N SER A 239 -3.09 -10.64 -2.73
CA SER A 239 -2.45 -11.52 -1.74
C SER A 239 -2.01 -10.79 -0.44
N SER A 240 -1.97 -9.44 -0.41
CA SER A 240 -1.55 -8.72 0.78
C SER A 240 -2.71 -8.09 1.59
N THR A 241 -3.97 -8.22 1.12
CA THR A 241 -5.12 -7.63 1.81
C THR A 241 -6.24 -8.71 1.91
N VAL A 242 -6.95 -9.03 0.81
CA VAL A 242 -8.01 -10.04 0.85
C VAL A 242 -7.71 -11.08 -0.21
N ARG A 243 -7.01 -12.14 0.19
CA ARG A 243 -6.64 -13.24 -0.70
C ARG A 243 -7.87 -13.86 -1.36
N GLY A 244 -7.70 -14.32 -2.60
CA GLY A 244 -8.78 -14.87 -3.40
C GLY A 244 -9.34 -13.86 -4.39
N PHE A 245 -9.18 -12.55 -4.12
CA PHE A 245 -9.66 -11.48 -5.00
C PHE A 245 -8.47 -10.90 -5.78
N GLN A 246 -8.72 -10.41 -7.00
CA GLN A 246 -7.66 -9.82 -7.82
C GLN A 246 -7.20 -8.53 -7.15
N SER A 247 -5.91 -8.17 -7.30
CA SER A 247 -5.35 -6.97 -6.68
C SER A 247 -6.17 -5.72 -6.93
N ASN A 248 -6.54 -5.00 -5.86
CA ASN A 248 -7.30 -3.77 -5.89
C ASN A 248 -8.73 -3.89 -6.44
N THR A 249 -9.23 -5.09 -6.84
CA THR A 249 -10.59 -5.20 -7.39
C THR A 249 -11.73 -4.74 -6.47
N ILE A 250 -11.58 -4.87 -5.15
CA ILE A 250 -12.66 -4.60 -4.20
C ILE A 250 -13.04 -3.14 -4.13
N GLY A 251 -14.34 -2.90 -3.96
CA GLY A 251 -14.87 -1.56 -3.83
C GLY A 251 -15.52 -1.02 -5.08
N PRO A 252 -15.63 0.33 -5.11
CA PRO A 252 -16.25 0.98 -6.27
C PRO A 252 -15.58 0.67 -7.61
N LYS A 253 -16.40 0.72 -8.65
CA LYS A 253 -15.99 0.50 -10.02
C LYS A 253 -16.28 1.78 -10.81
N ALA A 254 -15.50 2.02 -11.87
CA ALA A 254 -15.66 3.22 -12.67
C ALA A 254 -17.01 3.20 -13.37
N VAL A 255 -17.71 4.34 -13.34
CA VAL A 255 -18.94 4.56 -14.09
C VAL A 255 -18.52 5.54 -15.19
N TYR A 256 -18.27 5.03 -16.39
CA TYR A 256 -17.79 5.86 -17.50
C TYR A 256 -18.91 6.66 -18.16
N PHE A 257 -18.58 7.86 -18.66
CA PHE A 257 -19.54 8.66 -19.41
C PHE A 257 -19.53 8.13 -20.87
N PRO A 258 -20.62 8.27 -21.63
CA PRO A 258 -20.59 7.83 -23.04
C PRO A 258 -19.61 8.66 -23.87
N HIS A 259 -18.81 7.98 -24.73
CA HIS A 259 -17.79 8.63 -25.55
C HIS A 259 -18.40 9.28 -26.79
N ASP A 280 -27.61 5.78 -19.39
CA ASP A 280 -26.73 6.44 -20.36
C ASP A 280 -25.24 6.14 -20.08
N LEU A 281 -24.84 6.14 -18.79
CA LEU A 281 -23.45 5.91 -18.39
C LEU A 281 -23.17 4.40 -18.27
N SER A 282 -21.94 3.97 -18.56
CA SER A 282 -21.57 2.57 -18.47
C SER A 282 -21.07 2.19 -17.08
N LYS A 283 -21.75 1.24 -16.42
CA LYS A 283 -21.28 0.64 -15.17
C LYS A 283 -20.18 -0.36 -15.62
N SER A 284 -19.17 -0.66 -14.77
CA SER A 284 -18.07 -1.53 -15.19
C SER A 284 -17.48 -2.44 -14.09
N ASP A 285 -16.48 -3.28 -14.47
CA ASP A 285 -15.70 -4.14 -13.58
C ASP A 285 -14.35 -3.50 -13.23
N ASP A 286 -13.98 -2.34 -13.79
CA ASP A 286 -12.69 -1.70 -13.54
C ASP A 286 -12.72 -0.99 -12.20
N ALA A 287 -11.87 -1.40 -11.26
CA ALA A 287 -11.85 -0.82 -9.92
C ALA A 287 -11.29 0.59 -9.88
N VAL A 288 -11.76 1.41 -8.92
CA VAL A 288 -11.29 2.79 -8.78
C VAL A 288 -10.85 3.14 -7.35
N GLY A 289 -10.91 2.19 -6.41
CA GLY A 289 -10.60 2.45 -5.00
C GLY A 289 -11.65 3.35 -4.36
N GLY A 290 -11.34 3.86 -3.18
CA GLY A 290 -12.24 4.77 -2.47
C GLY A 290 -11.51 5.54 -1.39
N ASN A 291 -12.19 6.46 -0.72
CA ASN A 291 -11.57 7.23 0.37
C ASN A 291 -11.73 6.54 1.75
N ALA A 292 -12.43 5.39 1.83
CA ALA A 292 -12.61 4.65 3.07
C ALA A 292 -12.32 3.17 2.79
N MET A 293 -11.83 2.42 3.79
CA MET A 293 -11.43 1.03 3.59
C MET A 293 -11.25 0.29 4.91
N ALA A 294 -11.65 -0.98 4.94
CA ALA A 294 -11.53 -1.79 6.14
C ALA A 294 -11.24 -3.23 5.73
N VAL A 295 -10.26 -3.88 6.37
CA VAL A 295 -9.87 -5.24 6.05
C VAL A 295 -9.56 -5.95 7.35
N ALA A 296 -10.05 -7.17 7.50
CA ALA A 296 -9.85 -7.98 8.69
C ALA A 296 -9.53 -9.41 8.23
N SER A 297 -8.65 -10.08 8.94
CA SER A 297 -8.28 -11.44 8.63
C SER A 297 -7.97 -12.18 9.90
N LEU A 298 -8.36 -13.45 9.92
CA LEU A 298 -8.11 -14.38 11.02
C LEU A 298 -7.38 -15.55 10.36
N GLU A 299 -6.19 -15.85 10.81
CA GLU A 299 -5.34 -16.87 10.23
C GLU A 299 -4.85 -17.81 11.33
N PHE A 300 -4.94 -19.12 11.11
CA PHE A 300 -4.52 -20.13 12.04
C PHE A 300 -3.29 -20.81 11.46
N ILE A 301 -2.13 -20.48 12.01
CA ILE A 301 -0.84 -21.02 11.63
C ILE A 301 -0.67 -22.41 12.25
N THR A 302 -0.25 -23.40 11.45
CA THR A 302 -0.13 -24.77 11.91
C THR A 302 1.22 -25.37 11.50
N PRO A 303 1.58 -26.57 12.05
CA PRO A 303 2.77 -27.26 11.55
C PRO A 303 2.54 -27.67 10.09
N THR A 304 3.62 -27.73 9.32
CA THR A 304 3.54 -28.06 7.91
C THR A 304 3.45 -29.58 7.68
N PRO A 305 2.47 -30.07 6.89
CA PRO A 305 2.43 -31.53 6.63
C PRO A 305 3.64 -32.03 5.82
N PHE A 306 4.06 -33.27 6.06
CA PHE A 306 5.22 -33.90 5.39
C PHE A 306 6.56 -33.25 5.74
N ILE A 307 6.60 -32.20 6.57
CA ILE A 307 7.84 -31.56 6.98
C ILE A 307 8.01 -31.65 8.49
N SER A 308 9.25 -31.64 8.96
CA SER A 308 9.55 -31.71 10.39
C SER A 308 9.25 -30.36 11.07
N ASP A 309 8.96 -30.40 12.38
CA ASP A 309 8.74 -29.17 13.15
C ASP A 309 10.05 -28.39 13.41
N LYS A 310 11.22 -28.96 13.09
CA LYS A 310 12.49 -28.24 13.19
C LYS A 310 12.57 -27.12 12.14
N TYR A 311 11.78 -27.21 11.04
CA TYR A 311 11.78 -26.25 9.94
C TYR A 311 10.71 -25.16 10.05
N ALA A 312 9.92 -25.08 11.14
CA ALA A 312 8.91 -24.02 11.30
C ALA A 312 9.53 -22.61 11.28
N ASN A 313 10.84 -22.48 11.57
CA ASN A 313 11.54 -21.20 11.50
C ASN A 313 11.70 -20.72 10.03
N SER A 314 11.65 -21.65 9.02
CA SER A 314 11.82 -21.35 7.58
C SER A 314 10.66 -21.81 6.66
N VAL A 315 9.66 -22.55 7.15
CA VAL A 315 8.49 -23.02 6.38
C VAL A 315 7.27 -22.85 7.30
N ARG A 316 6.15 -22.38 6.76
CA ARG A 316 4.95 -22.16 7.57
C ARG A 316 3.69 -22.47 6.79
N THR A 317 2.73 -23.19 7.39
CA THR A 317 1.42 -23.46 6.82
C THR A 317 0.34 -22.69 7.62
N SER A 318 -0.76 -22.33 6.93
CA SER A 318 -1.85 -21.64 7.58
C SER A 318 -3.14 -21.69 6.78
N PHE A 319 -4.26 -21.53 7.50
CA PHE A 319 -5.63 -21.49 7.00
C PHE A 319 -6.17 -20.12 7.40
N PHE A 320 -6.95 -19.46 6.54
CA PHE A 320 -7.41 -18.11 6.85
C PHE A 320 -8.81 -17.77 6.38
N TRP A 321 -9.38 -16.75 7.01
CA TRP A 321 -10.65 -16.16 6.64
C TRP A 321 -10.31 -14.69 6.45
N ASP A 322 -10.42 -14.21 5.22
CA ASP A 322 -10.13 -12.81 4.90
C ASP A 322 -11.40 -12.07 4.55
N MET A 323 -11.45 -10.77 4.82
CA MET A 323 -12.60 -9.96 4.45
C MET A 323 -12.31 -8.49 4.44
N GLY A 324 -12.92 -7.78 3.52
CA GLY A 324 -12.68 -6.36 3.38
C GLY A 324 -13.73 -5.65 2.58
N THR A 325 -13.74 -4.33 2.73
CA THR A 325 -14.65 -3.47 2.00
C THR A 325 -13.94 -2.13 1.76
N VAL A 326 -14.22 -1.53 0.60
CA VAL A 326 -13.69 -0.23 0.19
C VAL A 326 -14.90 0.55 -0.27
N TRP A 327 -15.05 1.81 0.19
CA TRP A 327 -16.20 2.62 -0.20
C TRP A 327 -15.85 4.09 -0.49
N ASP A 328 -16.76 4.77 -1.19
CA ASP A 328 -16.61 6.17 -1.61
C ASP A 328 -17.63 7.01 -0.83
N THR A 329 -17.22 7.66 0.26
CA THR A 329 -18.12 8.47 1.10
C THR A 329 -18.80 9.65 0.40
N ASN A 330 -18.35 10.08 -0.79
CA ASN A 330 -18.99 11.18 -1.53
C ASN A 330 -19.81 10.68 -2.74
N TRP A 331 -20.03 9.35 -2.88
CA TRP A 331 -20.81 8.84 -4.00
C TRP A 331 -22.26 9.21 -3.73
N ASP A 332 -22.81 10.06 -4.59
CA ASP A 332 -24.18 10.57 -4.49
C ASP A 332 -25.13 9.60 -5.21
N SER A 333 -25.66 8.63 -4.48
CA SER A 333 -26.59 7.63 -5.03
C SER A 333 -27.97 8.21 -5.35
N SER A 334 -28.25 9.47 -4.97
CA SER A 334 -29.54 10.11 -5.23
C SER A 334 -29.64 10.46 -6.72
N GLN A 335 -28.55 10.96 -7.32
CA GLN A 335 -28.54 11.30 -8.73
C GLN A 335 -28.08 10.12 -9.63
N TYR A 336 -27.48 9.07 -9.05
CA TYR A 336 -27.06 7.87 -9.78
C TYR A 336 -27.86 6.72 -9.18
N SER A 337 -29.21 6.86 -9.21
CA SER A 337 -30.14 5.92 -8.61
C SER A 337 -30.11 4.51 -9.21
N GLY A 338 -29.92 4.41 -10.52
CA GLY A 338 -29.86 3.09 -11.16
C GLY A 338 -28.63 2.27 -10.78
N TYR A 339 -27.46 2.93 -10.71
CA TYR A 339 -26.16 2.29 -10.44
C TYR A 339 -26.01 1.91 -8.95
N PRO A 340 -25.06 1.01 -8.58
CA PRO A 340 -24.92 0.66 -7.16
C PRO A 340 -24.52 1.83 -6.28
N ASP A 341 -24.89 1.77 -4.99
CA ASP A 341 -24.54 2.81 -4.02
C ASP A 341 -23.14 2.50 -3.51
N TYR A 342 -22.14 3.18 -4.06
CA TYR A 342 -20.75 2.99 -3.67
C TYR A 342 -20.37 3.65 -2.33
N SER A 343 -21.23 4.51 -1.76
CA SER A 343 -21.00 5.08 -0.44
C SER A 343 -21.42 4.10 0.69
N ASP A 344 -21.85 2.86 0.34
CA ASP A 344 -22.33 1.84 1.28
C ASP A 344 -21.16 0.96 1.73
N PRO A 345 -20.74 1.06 2.99
CA PRO A 345 -19.65 0.19 3.46
C PRO A 345 -20.10 -1.24 3.78
N SER A 346 -21.42 -1.55 3.81
CA SER A 346 -21.92 -2.88 4.22
C SER A 346 -21.66 -4.04 3.26
N ASN A 347 -21.10 -3.81 2.08
CA ASN A 347 -20.82 -4.89 1.14
C ASN A 347 -19.48 -5.54 1.54
N ILE A 348 -19.51 -6.39 2.57
CA ILE A 348 -18.29 -7.03 3.07
C ILE A 348 -17.90 -8.21 2.20
N ARG A 349 -16.74 -8.14 1.54
CA ARG A 349 -16.23 -9.23 0.72
C ARG A 349 -15.60 -10.23 1.64
N MET A 350 -15.68 -11.53 1.34
CA MET A 350 -15.11 -12.54 2.19
C MET A 350 -14.50 -13.69 1.40
N SER A 351 -13.47 -14.32 1.95
CA SER A 351 -12.83 -15.47 1.36
C SER A 351 -12.25 -16.37 2.45
N ALA A 352 -11.95 -17.62 2.07
CA ALA A 352 -11.37 -18.63 2.92
C ALA A 352 -10.33 -19.38 2.09
N GLY A 353 -9.21 -19.75 2.70
CA GLY A 353 -8.16 -20.47 1.98
C GLY A 353 -7.04 -21.00 2.85
N ILE A 354 -6.01 -21.54 2.17
CA ILE A 354 -4.80 -22.10 2.77
C ILE A 354 -3.60 -21.38 2.13
N ALA A 355 -2.54 -21.17 2.94
CA ALA A 355 -1.32 -20.50 2.52
C ALA A 355 -0.09 -21.32 2.91
N LEU A 356 0.97 -21.23 2.13
CA LEU A 356 2.23 -21.91 2.35
C LEU A 356 3.33 -20.88 2.12
N GLN A 357 4.28 -20.77 3.05
CA GLN A 357 5.39 -19.82 2.96
C GLN A 357 6.70 -20.55 3.20
N TRP A 358 7.73 -20.19 2.44
CA TRP A 358 9.04 -20.80 2.57
C TRP A 358 10.12 -19.73 2.41
N MET A 359 11.01 -19.56 3.39
CA MET A 359 12.16 -18.66 3.24
C MET A 359 13.14 -19.52 2.42
N SER A 360 13.07 -19.40 1.09
CA SER A 360 13.87 -20.20 0.17
C SER A 360 15.25 -19.56 -0.11
N PRO A 361 16.23 -20.25 -0.72
CA PRO A 361 17.49 -19.57 -1.08
C PRO A 361 17.33 -18.37 -2.05
N LEU A 362 16.12 -18.22 -2.67
CA LEU A 362 15.77 -17.10 -3.55
C LEU A 362 14.94 -16.02 -2.78
N GLY A 363 14.83 -16.11 -1.45
CA GLY A 363 14.02 -15.19 -0.68
C GLY A 363 12.66 -15.76 -0.37
N PRO A 364 11.75 -14.94 0.20
CA PRO A 364 10.45 -15.48 0.62
C PRO A 364 9.54 -15.88 -0.50
N LEU A 365 9.05 -17.12 -0.44
CA LEU A 365 8.07 -17.62 -1.37
C LEU A 365 6.76 -17.77 -0.63
N VAL A 366 5.66 -17.30 -1.20
CA VAL A 366 4.34 -17.34 -0.57
C VAL A 366 3.39 -17.82 -1.63
N PHE A 367 2.64 -18.86 -1.37
CA PHE A 367 1.66 -19.38 -2.32
C PHE A 367 0.38 -19.56 -1.57
N SER A 368 -0.71 -19.02 -2.08
CA SER A 368 -2.00 -19.14 -1.44
C SER A 368 -3.06 -19.59 -2.44
N TYR A 369 -4.09 -20.28 -1.94
CA TYR A 369 -5.25 -20.67 -2.73
C TYR A 369 -6.50 -20.31 -1.94
N ALA A 370 -7.26 -19.28 -2.34
CA ALA A 370 -8.48 -18.88 -1.64
C ALA A 370 -9.67 -18.85 -2.59
N GLN A 371 -10.84 -19.26 -2.08
CA GLN A 371 -12.08 -19.31 -2.85
C GLN A 371 -12.98 -18.19 -2.30
N PRO A 372 -13.13 -17.03 -2.97
CA PRO A 372 -13.99 -15.97 -2.42
C PRO A 372 -15.46 -16.42 -2.29
N PHE A 373 -15.97 -16.57 -1.05
CA PHE A 373 -17.34 -17.02 -0.85
C PHE A 373 -18.39 -15.88 -0.86
N LYS A 374 -17.98 -14.61 -0.65
CA LYS A 374 -18.92 -13.51 -0.73
C LYS A 374 -18.31 -12.40 -1.55
N LYS A 375 -18.77 -12.23 -2.80
CA LYS A 375 -18.24 -11.20 -3.67
C LYS A 375 -19.36 -10.44 -4.39
N TYR A 376 -19.17 -9.14 -4.59
CA TYR A 376 -20.17 -8.31 -5.26
C TYR A 376 -19.87 -8.19 -6.75
N ASP A 377 -20.90 -7.87 -7.56
CA ASP A 377 -20.71 -7.82 -9.02
C ASP A 377 -19.68 -6.76 -9.41
N GLY A 378 -18.75 -7.16 -10.28
CA GLY A 378 -17.60 -6.39 -10.67
C GLY A 378 -16.35 -7.05 -10.13
N ASP A 379 -16.38 -7.51 -8.86
CA ASP A 379 -15.21 -8.15 -8.25
C ASP A 379 -14.66 -9.32 -9.11
N LYS A 380 -13.34 -9.35 -9.26
CA LYS A 380 -12.67 -10.35 -10.04
C LYS A 380 -11.99 -11.31 -9.08
N ALA A 381 -12.23 -12.61 -9.24
CA ALA A 381 -11.63 -13.62 -8.38
C ALA A 381 -10.31 -14.06 -8.98
N GLU A 382 -9.30 -14.16 -8.14
CA GLU A 382 -7.97 -14.65 -8.48
C GLU A 382 -7.66 -15.64 -7.38
N GLN A 383 -8.05 -16.89 -7.59
CA GLN A 383 -7.94 -17.94 -6.59
C GLN A 383 -6.47 -18.30 -6.23
N PHE A 384 -5.63 -18.57 -7.22
CA PHE A 384 -4.22 -18.87 -6.96
C PHE A 384 -3.39 -17.60 -7.01
N GLN A 385 -2.64 -17.31 -5.94
CA GLN A 385 -1.79 -16.13 -5.86
C GLN A 385 -0.43 -16.55 -5.31
N PHE A 386 0.66 -16.02 -5.89
CA PHE A 386 2.04 -16.45 -5.63
C PHE A 386 3.00 -15.27 -5.61
N ASN A 387 3.98 -15.27 -4.69
CA ASN A 387 4.98 -14.21 -4.60
C ASN A 387 6.34 -14.82 -4.27
N ILE A 388 7.42 -14.41 -4.97
CA ILE A 388 8.79 -14.87 -4.66
C ILE A 388 9.68 -13.62 -4.68
N GLY A 389 10.67 -13.56 -3.78
CA GLY A 389 11.56 -12.41 -3.71
C GLY A 389 10.89 -11.18 -3.15
N LYS A 390 11.45 -9.99 -3.44
CA LYS A 390 10.88 -8.73 -2.93
C LYS A 390 9.65 -8.24 -3.74
N THR A 391 8.64 -7.68 -3.03
CA THR A 391 7.40 -7.13 -3.60
C THR A 391 6.83 -6.05 -2.66
N TRP B 1 10.64 -7.75 3.35
CA TRP B 1 11.91 -8.40 3.02
C TRP B 1 12.55 -7.65 1.85
N ASN B 2 13.89 -7.56 1.83
CA ASN B 2 14.58 -6.84 0.77
C ASN B 2 15.92 -7.51 0.36
N SER B 3 16.48 -7.02 -0.77
CA SER B 3 17.75 -7.39 -1.41
C SER B 3 18.10 -8.87 -1.32
N ASN B 4 17.26 -9.69 -1.96
CA ASN B 4 17.42 -11.13 -1.99
C ASN B 4 18.48 -11.62 -2.96
N VAL B 5 18.90 -10.79 -3.94
CA VAL B 5 19.95 -11.19 -4.87
C VAL B 5 21.28 -10.85 -4.23
N HIS B 6 21.44 -9.62 -3.72
CA HIS B 6 22.66 -9.26 -3.01
C HIS B 6 22.48 -8.06 -2.05
N SER B 7 22.83 -8.27 -0.78
CA SER B 7 22.86 -7.24 0.24
C SER B 7 24.37 -7.09 0.54
N TYR B 8 25.06 -6.23 -0.21
CA TYR B 8 26.53 -6.12 -0.10
C TYR B 8 27.01 -4.86 0.60
N ARG B 9 27.70 -5.01 1.72
CA ARG B 9 28.23 -3.88 2.48
C ARG B 9 29.76 -3.83 2.35
N PHE B 10 30.33 -2.63 2.18
CA PHE B 10 31.78 -2.46 1.98
C PHE B 10 32.36 -1.21 2.69
#